data_4DEH
#
_entry.id   4DEH
#
_cell.length_a   41.964
_cell.length_b   42.747
_cell.length_c   158.440
_cell.angle_alpha   90.000
_cell.angle_beta   90.000
_cell.angle_gamma   90.000
#
_symmetry.space_group_name_H-M   'P 21 21 21'
#
loop_
_entity.id
_entity.type
_entity.pdbx_description
1 polymer 'Hepatocyte growth factor receptor'
2 non-polymer 5-phenyl-3-(quinolin-6-ylmethyl)-3,5,6,7-tetrahydro-4H-[1,2,3]triazolo[4,5-c]pyridin-4-one
3 water water
#
_entity_poly.entity_id   1
_entity_poly.type   'polypeptide(L)'
_entity_poly.pdbx_seq_one_letter_code
;QNTVHIDLSALNPELVQAVQHVVIGPSSLIVHFNEVIGRGHFGCVYHGTLLDNDGKKIHCAVKSLNRITDIGEVSQFLTE
GIIMKDFSHPNVLSLLGICLRSEGSPLVVLPYMKHGDLRNFIRNETHNPTVKDLIGFGLQVAKGMKYLASKKFVHRDLAA
RNCMLDEKFTVKVADFGLARDMYDKEYYSVHNKTGAKLPVKWMALESLQTQKFTTKSDVWSFGVLLWELMTRGAPPYPDV
NTFDITVYLLQGRRLLQPEYCPDPLYEVMLKCWHPKAEMRPSFSELVSRISAIFSTFIGEHYVHHHHHH
;
_entity_poly.pdbx_strand_id   A
#
loop_
_chem_comp.id
_chem_comp.type
_chem_comp.name
_chem_comp.formula
0JK non-polymer 5-phenyl-3-(quinolin-6-ylmethyl)-3,5,6,7-tetrahydro-4H-[1,2,3]triazolo[4,5-c]pyridin-4-one 'C21 H17 N5 O'
#
# COMPACT_ATOMS: atom_id res chain seq x y z
N ILE A 6 -5.15 -23.06 -18.32
CA ILE A 6 -4.43 -21.84 -18.81
C ILE A 6 -4.41 -21.79 -20.34
N ASP A 7 -4.96 -20.71 -20.89
CA ASP A 7 -5.03 -20.47 -22.33
C ASP A 7 -3.85 -19.61 -22.81
N LEU A 8 -2.75 -20.27 -23.16
CA LEU A 8 -1.50 -19.58 -23.50
C LEU A 8 -1.58 -18.69 -24.74
N SER A 9 -2.36 -19.11 -25.74
CA SER A 9 -2.52 -18.34 -26.99
C SER A 9 -3.25 -17.01 -26.78
N ALA A 10 -4.09 -16.96 -25.75
CA ALA A 10 -4.83 -15.73 -25.39
C ALA A 10 -3.93 -14.61 -24.90
N LEU A 11 -2.79 -14.96 -24.30
CA LEU A 11 -1.86 -13.98 -23.76
C LEU A 11 -1.09 -13.25 -24.86
N ASN A 12 -0.64 -12.05 -24.53
CA ASN A 12 0.38 -11.34 -25.29
C ASN A 12 1.55 -12.31 -25.48
N PRO A 13 1.88 -12.65 -26.75
CA PRO A 13 2.95 -13.63 -27.03
C PRO A 13 4.26 -13.35 -26.28
N GLU A 14 4.55 -12.07 -26.02
CA GLU A 14 5.71 -11.63 -25.24
C GLU A 14 5.76 -12.27 -23.85
N LEU A 15 4.58 -12.42 -23.24
CA LEU A 15 4.46 -12.84 -21.84
C LEU A 15 4.39 -14.35 -21.62
N VAL A 16 4.34 -15.12 -22.72
CA VAL A 16 4.16 -16.57 -22.63
C VAL A 16 5.26 -17.25 -21.80
N GLN A 17 6.52 -16.91 -22.06
CA GLN A 17 7.66 -17.45 -21.31
C GLN A 17 7.55 -17.20 -19.79
N ALA A 18 6.98 -16.05 -19.43
CA ALA A 18 6.92 -15.61 -18.03
C ALA A 18 5.91 -16.36 -17.16
N VAL A 19 5.03 -17.14 -17.81
CA VAL A 19 3.93 -17.82 -17.14
C VAL A 19 4.42 -18.91 -16.18
N GLN A 20 5.38 -19.71 -16.63
CA GLN A 20 5.94 -20.80 -15.83
C GLN A 20 6.62 -20.30 -14.55
N HIS A 21 7.00 -19.03 -14.55
CA HIS A 21 7.67 -18.41 -13.40
C HIS A 21 6.71 -17.79 -12.40
N VAL A 22 5.45 -17.62 -12.81
CA VAL A 22 4.43 -17.05 -11.91
C VAL A 22 3.45 -18.11 -11.36
N VAL A 23 3.23 -19.16 -12.15
CA VAL A 23 2.29 -20.22 -11.76
C VAL A 23 2.89 -21.16 -10.73
N ILE A 24 2.21 -21.30 -9.60
CA ILE A 24 2.61 -22.26 -8.58
C ILE A 24 1.79 -23.54 -8.77
N GLY A 25 2.48 -24.67 -8.91
CA GLY A 25 1.83 -25.98 -9.01
C GLY A 25 1.10 -26.34 -7.73
N PRO A 26 -0.14 -26.85 -7.85
CA PRO A 26 -0.97 -27.19 -6.69
C PRO A 26 -0.26 -28.09 -5.67
N SER A 27 0.71 -28.87 -6.15
CA SER A 27 1.44 -29.80 -5.29
C SER A 27 2.57 -29.15 -4.49
N SER A 28 2.89 -27.89 -4.83
CA SER A 28 3.95 -27.15 -4.14
C SER A 28 3.45 -26.31 -2.97
N LEU A 29 2.14 -26.25 -2.79
CA LEU A 29 1.53 -25.32 -1.83
C LEU A 29 0.50 -25.96 -0.90
N ILE A 30 0.78 -25.93 0.40
CA ILE A 30 -0.21 -26.34 1.40
C ILE A 30 -0.76 -25.09 2.09
N VAL A 31 -2.05 -24.82 1.87
CA VAL A 31 -2.69 -23.68 2.51
C VAL A 31 -3.59 -24.15 3.66
N HIS A 32 -3.45 -23.48 4.80
CA HIS A 32 -4.11 -23.89 6.03
C HIS A 32 -5.40 -23.10 6.21
N PHE A 33 -6.47 -23.60 5.58
CA PHE A 33 -7.77 -22.94 5.55
C PHE A 33 -8.50 -22.95 6.91
N ASN A 34 -7.85 -23.55 7.91
CA ASN A 34 -8.40 -23.66 9.27
C ASN A 34 -8.49 -22.35 10.05
N GLU A 35 -7.51 -21.47 9.86
CA GLU A 35 -7.54 -20.14 10.49
C GLU A 35 -7.31 -19.00 9.52
N VAL A 36 -8.26 -18.06 9.50
CA VAL A 36 -8.15 -16.82 8.77
C VAL A 36 -7.11 -15.95 9.48
N ILE A 37 -6.18 -15.36 8.74
CA ILE A 37 -5.20 -14.44 9.31
C ILE A 37 -5.34 -13.03 8.76
N GLY A 38 -6.27 -12.85 7.82
CA GLY A 38 -6.54 -11.56 7.21
C GLY A 38 -7.87 -11.53 6.48
N ARG A 39 -8.50 -10.36 6.44
CA ARG A 39 -9.80 -10.21 5.79
C ARG A 39 -9.80 -9.01 4.85
N GLY A 40 -10.18 -9.26 3.59
CA GLY A 40 -10.39 -8.21 2.62
C GLY A 40 -11.79 -8.31 2.05
N HIS A 41 -12.23 -7.25 1.37
CA HIS A 41 -13.51 -7.25 0.67
C HIS A 41 -13.57 -8.33 -0.42
N PHE A 42 -12.44 -8.55 -1.10
CA PHE A 42 -12.35 -9.56 -2.16
C PHE A 42 -12.10 -10.99 -1.64
N GLY A 43 -11.60 -11.13 -0.41
CA GLY A 43 -11.43 -12.44 0.18
C GLY A 43 -10.55 -12.54 1.41
N CYS A 44 -10.55 -13.73 2.02
CA CYS A 44 -9.74 -14.03 3.19
C CYS A 44 -8.31 -14.44 2.83
N VAL A 45 -7.43 -14.36 3.82
CA VAL A 45 -6.06 -14.83 3.66
C VAL A 45 -5.71 -15.82 4.77
N TYR A 46 -4.86 -16.79 4.42
CA TYR A 46 -4.52 -17.93 5.29
C TYR A 46 -3.02 -18.16 5.30
N HIS A 47 -2.51 -18.78 6.37
CA HIS A 47 -1.13 -19.27 6.39
C HIS A 47 -0.94 -20.28 5.27
N GLY A 48 0.23 -20.26 4.64
CA GLY A 48 0.56 -21.22 3.59
C GLY A 48 2.00 -21.69 3.72
N THR A 49 2.25 -22.91 3.26
CA THR A 49 3.60 -23.48 3.24
C THR A 49 3.97 -23.76 1.77
N LEU A 50 5.05 -23.16 1.32
CA LEU A 50 5.48 -23.26 -0.07
C LEU A 50 6.91 -23.81 -0.17
N LYS A 57 11.31 -25.03 2.20
CA LYS A 57 10.07 -24.79 2.94
C LYS A 57 9.93 -23.30 3.28
N ILE A 58 8.96 -22.63 2.67
CA ILE A 58 8.78 -21.20 2.90
C ILE A 58 7.38 -20.87 3.41
N HIS A 59 7.33 -20.03 4.44
CA HIS A 59 6.08 -19.63 5.07
C HIS A 59 5.48 -18.42 4.33
N CYS A 60 4.23 -18.55 3.91
CA CYS A 60 3.60 -17.52 3.08
C CYS A 60 2.18 -17.18 3.51
N ALA A 61 1.68 -16.05 3.02
CA ALA A 61 0.29 -15.66 3.19
C ALA A 61 -0.45 -15.90 1.88
N VAL A 62 -1.52 -16.67 1.95
CA VAL A 62 -2.26 -17.07 0.78
C VAL A 62 -3.60 -16.35 0.79
N LYS A 63 -3.82 -15.49 -0.20
CA LYS A 63 -5.06 -14.76 -0.28
C LYS A 63 -6.01 -15.36 -1.31
N SER A 64 -7.18 -15.74 -0.81
CA SER A 64 -8.28 -16.20 -1.64
C SER A 64 -8.98 -14.99 -2.28
N LEU A 65 -9.69 -15.22 -3.38
CA LEU A 65 -10.42 -14.16 -4.06
C LEU A 65 -11.88 -14.54 -4.30
N ASN A 66 -12.32 -15.60 -3.63
CA ASN A 66 -13.65 -16.19 -3.84
C ASN A 66 -14.82 -15.39 -3.25
N ARG A 67 -14.52 -14.23 -2.67
CA ARG A 67 -15.57 -13.36 -2.16
C ARG A 67 -16.14 -12.49 -3.29
N ILE A 68 -15.38 -12.37 -4.38
CA ILE A 68 -15.87 -11.73 -5.61
C ILE A 68 -16.69 -12.74 -6.42
N THR A 69 -17.68 -12.23 -7.16
CA THR A 69 -18.44 -13.05 -8.12
C THR A 69 -17.52 -13.61 -9.20
N ASP A 70 -16.65 -12.76 -9.74
CA ASP A 70 -15.77 -13.13 -10.86
C ASP A 70 -14.50 -12.27 -10.87
N ILE A 71 -13.37 -12.90 -11.20
CA ILE A 71 -12.07 -12.21 -11.34
C ILE A 71 -11.90 -11.46 -12.67
N GLY A 72 -12.90 -11.54 -13.54
CA GLY A 72 -12.79 -10.97 -14.89
C GLY A 72 -12.00 -11.87 -15.80
N GLU A 73 -11.35 -11.29 -16.81
CA GLU A 73 -10.60 -12.06 -17.80
C GLU A 73 -9.37 -12.73 -17.21
N VAL A 74 -9.30 -14.05 -17.34
CA VAL A 74 -8.22 -14.85 -16.78
C VAL A 74 -6.87 -14.45 -17.37
N SER A 75 -6.86 -14.16 -18.67
CA SER A 75 -5.68 -13.68 -19.37
C SER A 75 -5.14 -12.38 -18.77
N GLN A 76 -6.05 -11.48 -18.41
CA GLN A 76 -5.71 -10.22 -17.75
C GLN A 76 -5.20 -10.45 -16.32
N PHE A 77 -5.85 -11.36 -15.61
CA PHE A 77 -5.42 -11.75 -14.28
C PHE A 77 -3.96 -12.22 -14.31
N LEU A 78 -3.66 -13.10 -15.27
CA LEU A 78 -2.32 -13.61 -15.47
C LEU A 78 -1.34 -12.50 -15.81
N THR A 79 -1.77 -11.59 -16.68
CA THR A 79 -0.95 -10.46 -17.08
C THR A 79 -0.56 -9.61 -15.87
N GLU A 80 -1.55 -9.29 -15.04
CA GLU A 80 -1.32 -8.51 -13.82
C GLU A 80 -0.27 -9.22 -12.94
N GLY A 81 -0.44 -10.54 -12.78
CA GLY A 81 0.50 -11.36 -12.02
C GLY A 81 1.92 -11.31 -12.56
N ILE A 82 2.05 -11.42 -13.88
CA ILE A 82 3.35 -11.36 -14.55
C ILE A 82 4.05 -10.00 -14.32
N ILE A 83 3.29 -8.91 -14.47
CA ILE A 83 3.82 -7.56 -14.26
C ILE A 83 4.32 -7.41 -12.81
N MET A 84 3.47 -7.81 -11.87
CA MET A 84 3.78 -7.68 -10.44
C MET A 84 4.95 -8.54 -9.97
N LYS A 85 5.14 -9.71 -10.60
CA LYS A 85 6.21 -10.61 -10.18
C LYS A 85 7.60 -10.07 -10.50
N ASP A 86 7.70 -9.34 -11.61
CA ASP A 86 8.96 -8.75 -12.05
C ASP A 86 9.44 -7.60 -11.16
N PHE A 87 8.50 -6.95 -10.47
CA PHE A 87 8.80 -5.97 -9.44
C PHE A 87 9.61 -6.63 -8.33
N SER A 88 10.79 -6.07 -8.05
CA SER A 88 11.62 -6.56 -6.95
C SER A 88 12.36 -5.43 -6.26
N HIS A 89 11.98 -5.16 -5.02
CA HIS A 89 12.58 -4.10 -4.21
C HIS A 89 12.33 -4.43 -2.73
N PRO A 90 13.35 -4.17 -1.88
CA PRO A 90 13.19 -4.57 -0.47
C PRO A 90 12.10 -3.83 0.30
N ASN A 91 11.60 -2.71 -0.23
CA ASN A 91 10.51 -1.99 0.43
C ASN A 91 9.20 -2.06 -0.35
N VAL A 92 9.09 -3.11 -1.19
CA VAL A 92 7.85 -3.40 -1.91
C VAL A 92 7.50 -4.87 -1.70
N LEU A 93 6.24 -5.14 -1.33
CA LEU A 93 5.79 -6.52 -1.15
C LEU A 93 5.85 -7.27 -2.48
N SER A 94 6.46 -8.44 -2.48
CA SER A 94 6.60 -9.21 -3.71
C SER A 94 5.43 -10.17 -3.94
N LEU A 95 5.30 -10.66 -5.16
CA LEU A 95 4.37 -11.73 -5.45
C LEU A 95 5.20 -13.01 -5.62
N LEU A 96 4.91 -14.00 -4.77
CA LEU A 96 5.58 -15.29 -4.87
C LEU A 96 5.02 -16.05 -6.07
N GLY A 97 3.70 -15.99 -6.22
CA GLY A 97 3.06 -16.57 -7.41
C GLY A 97 1.56 -16.68 -7.29
N ILE A 98 0.97 -17.35 -8.27
CA ILE A 98 -0.45 -17.63 -8.30
C ILE A 98 -0.65 -19.14 -8.39
N CYS A 99 -1.56 -19.66 -7.58
CA CYS A 99 -1.90 -21.07 -7.58
C CYS A 99 -3.36 -21.29 -7.96
N LEU A 100 -3.59 -22.23 -8.87
CA LEU A 100 -4.93 -22.56 -9.34
C LEU A 100 -5.50 -23.74 -8.56
N ARG A 101 -6.79 -23.70 -8.30
CA ARG A 101 -7.47 -24.77 -7.56
C ARG A 101 -8.78 -25.19 -8.25
N GLY A 104 -12.23 -23.35 -7.23
CA GLY A 104 -12.78 -22.13 -7.79
C GLY A 104 -11.72 -21.11 -8.13
N SER A 105 -11.86 -19.90 -7.58
CA SER A 105 -10.97 -18.77 -7.82
C SER A 105 -9.47 -19.07 -7.55
N PRO A 106 -8.56 -18.40 -8.31
CA PRO A 106 -7.12 -18.55 -8.05
C PRO A 106 -6.69 -18.00 -6.69
N LEU A 107 -5.58 -18.52 -6.18
CA LEU A 107 -5.01 -18.07 -4.91
C LEU A 107 -3.81 -17.17 -5.15
N VAL A 108 -3.80 -16.01 -4.50
CA VAL A 108 -2.65 -15.10 -4.52
C VAL A 108 -1.68 -15.51 -3.41
N VAL A 109 -0.46 -15.86 -3.79
CA VAL A 109 0.55 -16.32 -2.84
C VAL A 109 1.59 -15.21 -2.58
N LEU A 110 1.59 -14.69 -1.35
CA LEU A 110 2.42 -13.56 -0.96
C LEU A 110 3.30 -13.93 0.24
N PRO A 111 4.43 -13.23 0.43
CA PRO A 111 5.26 -13.49 1.60
C PRO A 111 4.50 -13.28 2.91
N TYR A 112 4.86 -14.05 3.92
CA TYR A 112 4.27 -13.87 5.23
C TYR A 112 4.94 -12.66 5.89
N MET A 113 4.12 -11.73 6.34
CA MET A 113 4.59 -10.52 7.01
C MET A 113 4.33 -10.63 8.51
N LYS A 114 5.32 -11.12 9.24
CA LYS A 114 5.19 -11.41 10.67
C LYS A 114 4.56 -10.30 11.51
N HIS A 115 4.94 -9.05 11.24
CA HIS A 115 4.50 -7.93 12.09
C HIS A 115 3.35 -7.10 11.51
N GLY A 116 2.65 -7.67 10.52
CA GLY A 116 1.39 -7.12 10.02
C GLY A 116 1.47 -5.74 9.38
N ASP A 117 0.38 -4.99 9.47
CA ASP A 117 0.30 -3.70 8.83
C ASP A 117 0.97 -2.62 9.68
N LEU A 118 1.49 -1.60 8.99
CA LEU A 118 2.24 -0.54 9.63
C LEU A 118 1.42 0.26 10.63
N ARG A 119 0.15 0.51 10.30
CA ARG A 119 -0.70 1.30 11.19
C ARG A 119 -0.92 0.63 12.53
N ASN A 120 -1.27 -0.66 12.51
CA ASN A 120 -1.42 -1.43 13.75
C ASN A 120 -0.11 -1.59 14.50
N PHE A 121 0.98 -1.75 13.77
CA PHE A 121 2.30 -1.86 14.37
C PHE A 121 2.63 -0.63 15.24
N ILE A 122 2.41 0.56 14.70
CA ILE A 122 2.73 1.79 15.44
C ILE A 122 1.70 2.11 16.55
N ARG A 123 0.49 1.59 16.41
CA ARG A 123 -0.56 1.74 17.42
C ARG A 123 -0.38 0.76 18.59
N ASN A 124 0.43 -0.27 18.36
CA ASN A 124 0.58 -1.38 19.29
C ASN A 124 1.39 -1.02 20.54
N GLU A 125 0.75 -1.19 21.70
CA GLU A 125 1.36 -0.88 23.00
C GLU A 125 2.54 -1.79 23.35
N THR A 126 2.71 -2.88 22.60
CA THR A 126 3.81 -3.83 22.82
C THR A 126 5.15 -3.27 22.33
N HIS A 127 5.12 -2.58 21.19
CA HIS A 127 6.34 -2.03 20.61
C HIS A 127 6.51 -0.56 20.94
N ASN A 128 7.75 -0.12 21.08
CA ASN A 128 8.05 1.28 21.40
C ASN A 128 9.03 1.93 20.41
N PRO A 129 8.59 2.14 19.16
CA PRO A 129 9.48 2.80 18.19
C PRO A 129 9.83 4.21 18.64
N THR A 130 11.11 4.56 18.50
CA THR A 130 11.58 5.92 18.75
C THR A 130 11.17 6.82 17.60
N VAL A 131 11.37 8.13 17.74
CA VAL A 131 11.12 9.07 16.65
C VAL A 131 11.96 8.70 15.43
N LYS A 132 13.22 8.34 15.66
CA LYS A 132 14.11 7.88 14.60
C LYS A 132 13.56 6.64 13.87
N ASP A 133 13.03 5.68 14.64
CA ASP A 133 12.41 4.48 14.08
C ASP A 133 11.26 4.82 13.14
N LEU A 134 10.40 5.76 13.55
CA LEU A 134 9.22 6.16 12.78
C LEU A 134 9.58 6.90 11.51
N ILE A 135 10.57 7.79 11.61
CA ILE A 135 11.12 8.48 10.45
C ILE A 135 11.70 7.47 9.45
N GLY A 136 12.44 6.49 9.98
CA GLY A 136 13.01 5.39 9.19
C GLY A 136 11.96 4.54 8.49
N PHE A 137 10.84 4.26 9.18
CA PHE A 137 9.70 3.59 8.53
C PHE A 137 9.23 4.42 7.33
N GLY A 138 9.09 5.73 7.53
CA GLY A 138 8.69 6.62 6.44
C GLY A 138 9.69 6.64 5.30
N LEU A 139 10.98 6.59 5.64
CA LEU A 139 12.03 6.60 4.63
C LEU A 139 11.93 5.34 3.75
N GLN A 140 11.72 4.19 4.38
CA GLN A 140 11.57 2.93 3.67
C GLN A 140 10.36 2.95 2.73
N VAL A 141 9.27 3.54 3.19
CA VAL A 141 8.09 3.74 2.35
C VAL A 141 8.42 4.60 1.14
N ALA A 142 9.12 5.72 1.37
CA ALA A 142 9.55 6.61 0.30
C ALA A 142 10.40 5.88 -0.75
N LYS A 143 11.26 4.99 -0.28
CA LYS A 143 12.12 4.18 -1.14
C LYS A 143 11.31 3.14 -1.92
N GLY A 144 10.34 2.52 -1.26
CA GLY A 144 9.42 1.58 -1.93
C GLY A 144 8.67 2.29 -3.02
N MET A 145 8.18 3.49 -2.70
CA MET A 145 7.42 4.31 -3.64
C MET A 145 8.26 4.89 -4.76
N LYS A 146 9.51 5.21 -4.47
CA LYS A 146 10.46 5.65 -5.48
C LYS A 146 10.62 4.59 -6.59
N TYR A 147 10.68 3.33 -6.20
CA TYR A 147 10.82 2.22 -7.15
C TYR A 147 9.55 2.06 -7.97
N LEU A 148 8.41 2.07 -7.28
CA LEU A 148 7.12 1.93 -7.92
C LEU A 148 6.89 3.02 -8.95
N ALA A 149 7.20 4.27 -8.57
CA ALA A 149 7.07 5.40 -9.49
C ALA A 149 8.00 5.32 -10.70
N SER A 150 9.20 4.76 -10.52
CA SER A 150 10.13 4.60 -11.64
C SER A 150 9.63 3.52 -12.61
N LYS A 151 8.79 2.63 -12.10
CA LYS A 151 8.12 1.63 -12.93
C LYS A 151 6.82 2.17 -13.55
N LYS A 152 6.55 3.45 -13.32
CA LYS A 152 5.35 4.15 -13.80
C LYS A 152 4.06 3.60 -13.19
N PHE A 153 4.19 2.99 -12.01
CA PHE A 153 3.05 2.45 -11.30
C PHE A 153 2.52 3.47 -10.29
N VAL A 154 1.22 3.74 -10.38
CA VAL A 154 0.52 4.57 -9.41
C VAL A 154 -0.18 3.63 -8.43
N HIS A 155 0.08 3.82 -7.14
CA HIS A 155 -0.51 2.95 -6.10
C HIS A 155 -2.00 3.21 -5.90
N ARG A 156 -2.38 4.50 -5.83
CA ARG A 156 -3.78 4.93 -5.62
C ARG A 156 -4.32 4.79 -4.18
N ASP A 157 -3.67 3.96 -3.36
CA ASP A 157 -4.18 3.72 -2.00
C ASP A 157 -3.07 3.61 -0.94
N LEU A 158 -2.03 4.43 -1.07
CA LEU A 158 -0.98 4.50 -0.06
C LEU A 158 -1.53 5.04 1.26
N ALA A 159 -1.26 4.31 2.33
CA ALA A 159 -1.68 4.62 3.70
C ALA A 159 -0.89 3.68 4.58
N ALA A 160 -0.76 3.99 5.87
CA ALA A 160 -0.04 3.11 6.81
C ALA A 160 -0.68 1.72 6.91
N ARG A 161 -2.01 1.67 6.86
CA ARG A 161 -2.75 0.40 6.84
C ARG A 161 -2.34 -0.45 5.64
N ASN A 162 -1.83 0.19 4.59
CA ASN A 162 -1.50 -0.50 3.35
C ASN A 162 -0.01 -0.82 3.15
N CYS A 163 0.76 -0.66 4.21
CA CYS A 163 2.16 -1.08 4.24
C CYS A 163 2.30 -2.15 5.31
N MET A 164 3.28 -3.03 5.16
CA MET A 164 3.47 -4.12 6.12
C MET A 164 4.93 -4.26 6.59
N LEU A 165 5.13 -5.00 7.67
CA LEU A 165 6.47 -5.24 8.21
C LEU A 165 6.77 -6.72 8.34
N ASP A 166 7.96 -7.12 7.92
CA ASP A 166 8.38 -8.52 8.02
C ASP A 166 9.08 -8.81 9.35
N GLU A 167 9.65 -10.00 9.49
CA GLU A 167 10.28 -10.45 10.74
C GLU A 167 11.45 -9.59 11.19
N LYS A 168 12.04 -8.84 10.25
CA LYS A 168 13.16 -7.93 10.55
C LYS A 168 12.74 -6.46 10.47
N PHE A 169 11.45 -6.24 10.63
CA PHE A 169 10.85 -4.90 10.67
C PHE A 169 11.11 -4.07 9.41
N THR A 170 11.43 -4.75 8.31
CA THR A 170 11.56 -4.12 7.01
C THR A 170 10.17 -3.72 6.53
N VAL A 171 10.01 -2.44 6.18
CA VAL A 171 8.70 -1.94 5.77
C VAL A 171 8.53 -2.14 4.28
N LYS A 172 7.36 -2.67 3.89
CA LYS A 172 7.08 -2.93 2.50
C LYS A 172 5.72 -2.37 2.09
N VAL A 173 5.75 -1.58 1.02
CA VAL A 173 4.52 -1.10 0.40
C VAL A 173 3.76 -2.30 -0.15
N ALA A 174 2.54 -2.48 0.32
CA ALA A 174 1.71 -3.60 -0.09
C ALA A 174 0.46 -3.08 -0.78
N ASP A 175 -0.63 -3.85 -0.70
CA ASP A 175 -1.94 -3.44 -1.22
C ASP A 175 -1.93 -2.93 -2.65
N PHE A 176 -1.27 -3.68 -3.54
CA PHE A 176 -1.27 -3.33 -4.96
C PHE A 176 -1.23 -4.60 -5.80
N GLY A 177 -1.46 -4.45 -7.10
CA GLY A 177 -1.53 -5.58 -8.02
C GLY A 177 -2.62 -6.54 -7.59
N LEU A 178 -2.30 -7.83 -7.54
CA LEU A 178 -3.24 -8.87 -7.11
C LEU A 178 -3.49 -8.89 -5.60
N ALA A 179 -2.71 -8.12 -4.83
CA ALA A 179 -2.92 -8.00 -3.38
C ALA A 179 -3.85 -6.83 -3.02
N ARG A 180 -4.18 -6.02 -4.03
CA ARG A 180 -5.07 -4.87 -3.87
C ARG A 180 -6.42 -5.28 -3.29
N ASP A 181 -6.89 -4.54 -2.29
CA ASP A 181 -8.18 -4.79 -1.65
C ASP A 181 -8.43 -3.72 -0.60
N MET A 182 -9.65 -3.67 -0.09
CA MET A 182 -9.98 -2.84 1.06
C MET A 182 -9.88 -3.71 2.31
N TYR A 183 -8.82 -3.52 3.08
CA TYR A 183 -8.57 -4.35 4.25
C TYR A 183 -9.10 -3.75 5.54
N ASP A 184 -9.41 -2.45 5.49
CA ASP A 184 -10.10 -1.74 6.58
C ASP A 184 -11.17 -0.85 5.96
N LYS A 185 -12.38 -1.39 5.83
CA LYS A 185 -13.47 -0.70 5.13
C LYS A 185 -13.86 0.64 5.72
N GLU A 186 -13.55 0.85 7.00
CA GLU A 186 -13.91 2.08 7.71
C GLU A 186 -13.46 3.34 6.97
N TYR A 187 -12.31 3.26 6.29
CA TYR A 187 -11.67 4.45 5.72
C TYR A 187 -11.95 4.69 4.24
N TYR A 188 -13.00 4.05 3.72
CA TYR A 188 -13.39 4.22 2.32
C TYR A 188 -14.83 4.71 2.23
N SER A 189 -15.06 5.69 1.35
CA SER A 189 -16.39 6.29 1.18
C SER A 189 -16.92 6.12 -0.23
N VAL A 190 -18.24 5.97 -0.34
CA VAL A 190 -18.91 5.78 -1.62
C VAL A 190 -19.17 7.12 -2.29
N HIS A 191 -18.67 7.28 -3.51
CA HIS A 191 -18.88 8.48 -4.30
C HIS A 191 -20.30 8.55 -4.89
N ASN A 192 -20.80 9.76 -5.05
CA ASN A 192 -22.17 10.03 -5.51
C ASN A 192 -22.43 9.62 -6.96
N LYS A 193 -21.71 10.25 -7.90
CA LYS A 193 -21.88 10.03 -9.34
C LYS A 193 -21.29 8.70 -9.84
N THR A 194 -20.19 8.28 -9.23
CA THR A 194 -19.57 7.00 -9.53
C THR A 194 -19.51 6.21 -8.22
N GLY A 195 -20.10 5.02 -8.20
CA GLY A 195 -20.25 4.25 -6.96
C GLY A 195 -18.97 3.78 -6.27
N ALA A 196 -17.83 4.29 -6.71
CA ALA A 196 -16.51 3.88 -6.21
C ALA A 196 -16.29 4.13 -4.72
N LYS A 197 -15.53 3.25 -4.09
CA LYS A 197 -15.19 3.36 -2.67
C LYS A 197 -13.77 3.92 -2.52
N LEU A 198 -13.68 5.12 -1.97
CA LEU A 198 -12.46 5.93 -2.02
C LEU A 198 -11.89 6.28 -0.65
N PRO A 199 -10.55 6.24 -0.52
CA PRO A 199 -9.88 6.62 0.73
C PRO A 199 -9.71 8.14 0.83
N VAL A 200 -10.83 8.86 0.87
CA VAL A 200 -10.87 10.33 0.74
C VAL A 200 -9.86 11.09 1.64
N LYS A 201 -9.65 10.61 2.85
CA LYS A 201 -8.77 11.31 3.80
C LYS A 201 -7.29 11.18 3.46
N TRP A 202 -6.98 10.31 2.50
CA TRP A 202 -5.61 10.15 1.99
C TRP A 202 -5.46 10.75 0.59
N MET A 203 -6.55 11.23 0.03
CA MET A 203 -6.54 11.64 -1.36
C MET A 203 -6.17 13.11 -1.57
N ALA A 204 -5.51 13.39 -2.68
CA ALA A 204 -5.18 14.75 -3.08
C ALA A 204 -6.44 15.49 -3.54
N LEU A 205 -6.40 16.82 -3.42
CA LEU A 205 -7.52 17.69 -3.79
C LEU A 205 -8.03 17.41 -5.19
N GLU A 206 -7.11 17.34 -6.16
CA GLU A 206 -7.50 17.12 -7.55
C GLU A 206 -8.11 15.74 -7.78
N SER A 207 -7.66 14.73 -7.02
CA SER A 207 -8.23 13.39 -7.08
C SER A 207 -9.64 13.35 -6.52
N LEU A 208 -9.88 14.14 -5.48
CA LEU A 208 -11.22 14.25 -4.90
C LEU A 208 -12.18 14.86 -5.90
N GLN A 209 -11.68 15.81 -6.68
CA GLN A 209 -12.49 16.49 -7.68
C GLN A 209 -12.67 15.69 -8.97
N THR A 210 -11.62 15.01 -9.41
CA THR A 210 -11.64 14.33 -10.72
C THR A 210 -11.65 12.79 -10.65
N GLN A 211 -11.29 12.25 -9.49
CA GLN A 211 -11.09 10.79 -9.32
C GLN A 211 -10.00 10.19 -10.22
N LYS A 212 -9.08 11.03 -10.66
CA LYS A 212 -7.87 10.57 -11.33
C LYS A 212 -6.72 10.52 -10.32
N PHE A 213 -5.93 9.45 -10.39
CA PHE A 213 -4.80 9.25 -9.48
C PHE A 213 -3.50 9.29 -10.25
N THR A 214 -2.51 9.99 -9.72
CA THR A 214 -1.17 10.04 -10.33
C THR A 214 -0.12 9.77 -9.26
N THR A 215 1.14 9.64 -9.69
CA THR A 215 2.26 9.53 -8.75
C THR A 215 2.28 10.74 -7.81
N LYS A 216 1.85 11.90 -8.30
CA LYS A 216 1.84 13.13 -7.50
C LYS A 216 0.71 13.12 -6.47
N SER A 217 -0.37 12.41 -6.75
CA SER A 217 -1.39 12.19 -5.72
C SER A 217 -0.98 11.09 -4.73
N ASP A 218 -0.15 10.13 -5.18
CA ASP A 218 0.53 9.19 -4.27
C ASP A 218 1.41 9.96 -3.28
N VAL A 219 2.07 11.02 -3.76
CA VAL A 219 2.92 11.89 -2.94
C VAL A 219 2.09 12.62 -1.88
N TRP A 220 0.88 13.04 -2.26
CA TRP A 220 -0.05 13.60 -1.27
C TRP A 220 -0.35 12.57 -0.18
N SER A 221 -0.71 11.36 -0.59
CA SER A 221 -1.02 10.26 0.35
C SER A 221 0.14 9.94 1.26
N PHE A 222 1.36 10.02 0.71
CA PHE A 222 2.58 9.79 1.49
C PHE A 222 2.75 10.80 2.63
N GLY A 223 2.48 12.07 2.35
CA GLY A 223 2.48 13.10 3.38
C GLY A 223 1.58 12.71 4.53
N VAL A 224 0.38 12.22 4.20
CA VAL A 224 -0.57 11.77 5.22
C VAL A 224 -0.04 10.58 5.99
N LEU A 225 0.61 9.67 5.27
CA LEU A 225 1.22 8.51 5.89
C LEU A 225 2.32 8.93 6.88
N LEU A 226 3.09 9.96 6.53
CA LEU A 226 4.12 10.49 7.44
C LEU A 226 3.50 11.01 8.73
N TRP A 227 2.34 11.64 8.58
CA TRP A 227 1.56 12.17 9.70
C TRP A 227 1.03 11.04 10.59
N GLU A 228 0.61 9.93 9.96
CA GLU A 228 0.21 8.74 10.69
C GLU A 228 1.38 8.20 11.51
N LEU A 229 2.56 8.14 10.90
CA LEU A 229 3.75 7.64 11.58
C LEU A 229 4.07 8.47 12.81
N MET A 230 4.02 9.79 12.67
CA MET A 230 4.42 10.70 13.74
C MET A 230 3.35 10.90 14.84
N THR A 231 2.12 10.47 14.56
CA THR A 231 1.05 10.44 15.55
C THR A 231 0.83 9.04 16.09
N ARG A 232 1.71 8.11 15.71
CA ARG A 232 1.59 6.69 16.04
C ARG A 232 0.22 6.11 15.71
N GLY A 233 -0.31 6.49 14.54
CA GLY A 233 -1.49 5.88 13.98
C GLY A 233 -2.82 6.52 14.35
N ALA A 234 -2.81 7.82 14.62
CA ALA A 234 -4.06 8.56 14.84
C ALA A 234 -4.83 8.64 13.52
N PRO A 235 -6.18 8.63 13.59
CA PRO A 235 -6.96 8.83 12.36
C PRO A 235 -6.89 10.29 11.90
N PRO A 236 -6.64 10.52 10.60
CA PRO A 236 -6.55 11.89 10.10
C PRO A 236 -7.93 12.54 9.96
N TYR A 237 -8.01 13.82 10.33
CA TYR A 237 -9.26 14.60 10.25
C TYR A 237 -10.46 13.87 10.89
N PRO A 238 -10.40 13.54 12.20
CA PRO A 238 -11.49 12.75 12.78
C PRO A 238 -12.82 13.51 12.86
N ASP A 239 -12.76 14.84 12.86
CA ASP A 239 -13.95 15.68 13.00
C ASP A 239 -14.44 16.20 11.65
N VAL A 240 -13.95 15.57 10.58
CA VAL A 240 -14.45 15.83 9.22
C VAL A 240 -15.22 14.60 8.76
N ASN A 241 -16.32 14.82 8.04
CA ASN A 241 -17.15 13.73 7.53
C ASN A 241 -17.00 13.45 6.03
N THR A 242 -16.42 12.28 5.72
CA THR A 242 -16.28 11.77 4.34
C THR A 242 -15.92 12.83 3.30
N PHE A 243 -16.83 13.11 2.36
CA PHE A 243 -16.54 13.97 1.21
C PHE A 243 -16.49 15.47 1.49
N ASP A 244 -16.90 15.88 2.69
CA ASP A 244 -16.77 17.27 3.15
C ASP A 244 -15.29 17.61 3.44
N ILE A 245 -14.40 16.66 3.17
CA ILE A 245 -12.94 16.88 3.29
C ILE A 245 -12.44 17.94 2.32
N THR A 246 -13.04 17.99 1.13
CA THR A 246 -12.73 18.99 0.11
C THR A 246 -13.03 20.40 0.62
N VAL A 247 -14.20 20.58 1.23
CA VAL A 247 -14.57 21.85 1.86
C VAL A 247 -13.54 22.23 2.93
N TYR A 248 -13.23 21.28 3.79
CA TYR A 248 -12.28 21.47 4.90
C TYR A 248 -10.89 21.92 4.43
N LEU A 249 -10.34 21.23 3.44
CA LEU A 249 -9.01 21.56 2.89
C LEU A 249 -9.05 22.92 2.23
N LEU A 250 -10.11 23.18 1.47
CA LEU A 250 -10.23 24.44 0.73
C LEU A 250 -10.46 25.65 1.64
N GLN A 251 -10.75 25.41 2.92
CA GLN A 251 -10.78 26.50 3.90
C GLN A 251 -9.37 27.02 4.18
N GLY A 252 -8.35 26.27 3.74
CA GLY A 252 -6.95 26.66 3.90
C GLY A 252 -6.31 25.88 5.02
N ARG A 253 -6.65 24.60 5.10
CA ARG A 253 -6.31 23.76 6.25
C ARG A 253 -5.43 22.60 5.85
N ARG A 254 -4.53 22.22 6.75
CA ARG A 254 -3.77 20.98 6.63
C ARG A 254 -3.78 20.30 7.99
N LEU A 255 -3.47 19.00 8.00
CA LEU A 255 -3.23 18.27 9.24
C LEU A 255 -2.14 19.00 10.06
N LEU A 256 -2.32 19.04 11.37
CA LEU A 256 -1.45 19.82 12.26
C LEU A 256 -0.16 19.07 12.51
N GLN A 257 0.87 19.81 12.94
CA GLN A 257 2.16 19.22 13.22
C GLN A 257 2.08 18.42 14.51
N PRO A 258 2.34 17.09 14.42
CA PRO A 258 2.32 16.22 15.61
C PRO A 258 3.40 16.63 16.61
N GLU A 259 3.13 16.37 17.90
CA GLU A 259 3.97 16.82 19.01
C GLU A 259 5.47 16.53 18.84
N TYR A 260 5.81 15.34 18.35
CA TYR A 260 7.21 14.95 18.22
C TYR A 260 7.70 14.88 16.78
N CYS A 261 6.96 15.53 15.87
CA CYS A 261 7.36 15.62 14.49
C CYS A 261 8.38 16.75 14.33
N PRO A 262 9.60 16.42 13.86
CA PRO A 262 10.62 17.45 13.59
C PRO A 262 10.09 18.48 12.61
N ASP A 263 10.43 19.76 12.85
CA ASP A 263 10.02 20.88 12.00
C ASP A 263 10.30 20.63 10.51
N PRO A 264 11.54 20.21 10.16
CA PRO A 264 11.79 19.92 8.75
C PRO A 264 10.90 18.81 8.21
N LEU A 265 10.51 17.85 9.05
CA LEU A 265 9.63 16.78 8.57
C LEU A 265 8.21 17.30 8.33
N TYR A 266 7.76 18.26 9.13
CA TYR A 266 6.45 18.87 8.89
C TYR A 266 6.46 19.65 7.58
N GLU A 267 7.59 20.30 7.30
CA GLU A 267 7.79 21.04 6.06
C GLU A 267 7.76 20.12 4.84
N VAL A 268 8.30 18.91 5.00
CA VAL A 268 8.18 17.88 3.96
C VAL A 268 6.72 17.52 3.69
N MET A 269 5.95 17.31 4.76
CA MET A 269 4.50 17.03 4.67
C MET A 269 3.72 18.11 3.93
N LEU A 270 4.01 19.37 4.26
CA LEU A 270 3.36 20.50 3.59
C LEU A 270 3.70 20.54 2.11
N LYS A 271 4.94 20.16 1.79
CA LYS A 271 5.38 20.09 0.39
C LYS A 271 4.60 19.01 -0.36
N CYS A 272 4.36 17.88 0.30
CA CYS A 272 3.61 16.76 -0.25
C CYS A 272 2.14 17.17 -0.50
N TRP A 273 1.67 18.17 0.25
CA TRP A 273 0.29 18.65 0.14
C TRP A 273 0.17 19.96 -0.63
N HIS A 274 1.19 20.28 -1.41
CA HIS A 274 1.18 21.49 -2.24
C HIS A 274 -0.09 21.47 -3.10
N PRO A 275 -0.82 22.59 -3.18
CA PRO A 275 -2.06 22.60 -3.97
C PRO A 275 -1.81 22.28 -5.44
N LYS A 276 -0.63 22.63 -5.94
CA LYS A 276 -0.23 22.31 -7.32
C LYS A 276 0.49 20.97 -7.36
N ALA A 277 -0.15 19.98 -7.98
CA ALA A 277 0.37 18.61 -8.05
C ALA A 277 1.81 18.53 -8.56
N GLU A 278 2.10 19.29 -9.60
CA GLU A 278 3.42 19.27 -10.25
C GLU A 278 4.53 19.93 -9.39
N MET A 279 4.14 20.62 -8.32
CA MET A 279 5.09 21.24 -7.39
C MET A 279 5.41 20.39 -6.16
N ARG A 280 4.71 19.26 -6.01
CA ARG A 280 5.01 18.35 -4.90
C ARG A 280 6.34 17.67 -5.22
N PRO A 281 7.11 17.28 -4.18
CA PRO A 281 8.41 16.63 -4.41
C PRO A 281 8.26 15.25 -5.06
N SER A 282 9.24 14.86 -5.87
CA SER A 282 9.32 13.49 -6.38
C SER A 282 9.60 12.57 -5.18
N PHE A 283 9.37 11.27 -5.34
CA PHE A 283 9.73 10.32 -4.28
C PHE A 283 11.23 10.22 -4.05
N SER A 284 12.00 10.43 -5.12
CA SER A 284 13.45 10.55 -5.00
C SER A 284 13.86 11.71 -4.08
N GLU A 285 13.28 12.90 -4.27
CA GLU A 285 13.53 14.05 -3.39
C GLU A 285 13.11 13.80 -1.94
N LEU A 286 12.00 13.07 -1.76
CA LEU A 286 11.55 12.66 -0.42
C LEU A 286 12.53 11.68 0.24
N VAL A 287 13.06 10.74 -0.54
CA VAL A 287 14.05 9.81 0.00
C VAL A 287 15.27 10.59 0.52
N SER A 288 15.73 11.54 -0.30
CA SER A 288 16.87 12.41 0.03
C SER A 288 16.63 13.25 1.29
N ARG A 289 15.52 13.98 1.31
CA ARG A 289 15.21 14.90 2.43
C ARG A 289 14.98 14.16 3.73
N ILE A 290 14.29 13.03 3.64
CA ILE A 290 14.00 12.26 4.81
C ILE A 290 15.27 11.55 5.34
N SER A 291 16.13 11.08 4.44
CA SER A 291 17.38 10.44 4.86
C SER A 291 18.26 11.41 5.69
N ALA A 292 18.29 12.66 5.25
CA ALA A 292 18.96 13.76 5.95
C ALA A 292 18.39 14.03 7.35
N ILE A 293 17.07 14.17 7.44
CA ILE A 293 16.40 14.37 8.73
C ILE A 293 16.66 13.19 9.66
N PHE A 294 16.51 11.98 9.11
CA PHE A 294 16.79 10.72 9.79
C PHE A 294 18.19 10.63 10.40
N SER A 295 19.19 11.08 9.65
CA SER A 295 20.60 11.02 10.08
C SER A 295 20.89 11.91 11.31
N THR A 296 20.00 12.84 11.61
CA THR A 296 20.25 13.80 12.69
C THR A 296 19.90 13.24 14.06
N PHE A 297 19.16 12.13 14.09
CA PHE A 297 18.72 11.51 15.33
C PHE A 297 19.63 10.39 15.80
N ILE A 298 19.58 10.12 17.11
CA ILE A 298 20.27 8.99 17.73
C ILE A 298 19.27 8.11 18.48
N GLY A 299 19.43 6.80 18.40
CA GLY A 299 18.63 5.86 19.18
C GLY A 299 17.37 5.36 18.48
C18 0JK B . -2.00 -10.37 4.50
C17 0JK B . -1.12 -10.93 5.41
C21 0JK B . -1.58 -11.37 6.65
C20 0JK B . -0.69 -11.91 7.56
C19 0JK B . 0.65 -12.00 7.21
N5 0JK B . 1.08 -11.58 6.01
C16 0JK B . 0.24 -11.05 5.11
C15 0JK B . 0.73 -10.61 3.88
C14 0JK B . -0.16 -10.06 2.96
C13 0JK B . -1.52 -9.94 3.26
C12 0JK B . -2.50 -9.34 2.24
N4 0JK B . -2.18 -7.93 1.98
C10 0JK B . -2.46 -6.92 2.80
C11 0JK B . -3.06 -6.78 4.05
O1 0JK B . -3.72 -7.69 4.55
N3 0JK B . -1.63 -7.51 0.94
N2 0JK B . -1.49 -6.28 0.98
C9 0JK B . -1.99 -5.81 2.12
C8 0JK B . -2.11 -4.57 2.72
C7 0JK B . -2.12 -4.43 4.11
N1 0JK B . -2.93 -5.53 4.74
C4 0JK B . -3.57 -5.33 5.99
C3 0JK B . -3.42 -6.26 7.02
C2 0JK B . -4.05 -6.06 8.25
C1 0JK B . -4.83 -4.92 8.47
C6 0JK B . -4.99 -3.99 7.44
C5 0JK B . -4.35 -4.19 6.21
#